data_6UX8
#
_entry.id   6UX8
#
_cell.length_a   58.294
_cell.length_b   59.418
_cell.length_c   68.043
_cell.angle_alpha   90.000
_cell.angle_beta   90.000
_cell.angle_gamma   90.000
#
_symmetry.space_group_name_H-M   'P 21 21 21'
#
loop_
_entity.id
_entity.type
_entity.pdbx_description
1 polymer 'Mixed lineage kinase domain-like protein'
2 polymer Monobody
3 non-polymer 'ZINC ION'
4 water water
#
loop_
_entity_poly.entity_id
_entity_poly.type
_entity_poly.pdbx_seq_one_letter_code
_entity_poly.pdbx_strand_id
1 'polypeptide(L)'
;GAMGSENLKHIITLGQVIHKRCEEMKYCKKQCRRLGHRVLGLIKPLEMLQDQGKRSVPSEKLTTAMNRFKAALEEANGEI
EKFSNRSNICRFLTASQDKILFKDVNRKLSDVWKELSLLLQVEQRMPVSPISQGASWAQEDQQDADEDRRAFQMLRRD
;
A
2 'polypeptide(L)'
;GAMGSVSSVPTKLEVVAATPTSLLISWDADTYYIWYYRITYGETGGNSPVQEFTVPGSSSTATISGLSPGVDYTITVYAF
SDYYGYSSSPISINYRT
;
B
#
# COMPACT_ATOMS: atom_id res chain seq x y z
N SER A 5 -11.48 -18.96 6.23
CA SER A 5 -10.52 -19.68 7.05
C SER A 5 -9.44 -20.33 6.20
N GLU A 6 -9.84 -21.30 5.37
CA GLU A 6 -8.89 -21.96 4.49
C GLU A 6 -8.35 -21.00 3.45
N ASN A 7 -9.21 -20.13 2.91
CA ASN A 7 -8.75 -19.15 1.93
C ASN A 7 -7.83 -18.11 2.56
N LEU A 8 -8.04 -17.80 3.84
CA LEU A 8 -7.20 -16.81 4.50
C LEU A 8 -5.78 -17.32 4.67
N LYS A 9 -5.61 -18.58 5.08
CA LYS A 9 -4.28 -19.15 5.25
C LYS A 9 -3.62 -19.48 3.92
N HIS A 10 -4.40 -19.72 2.86
CA HIS A 10 -3.82 -19.98 1.55
C HIS A 10 -3.15 -18.73 0.99
N ILE A 11 -3.78 -17.58 1.17
CA ILE A 11 -3.19 -16.33 0.68
C ILE A 11 -1.96 -15.97 1.51
N ILE A 12 -2.02 -16.20 2.82
CA ILE A 12 -0.85 -15.96 3.67
C ILE A 12 0.29 -16.88 3.27
N THR A 13 -0.01 -18.16 3.05
CA THR A 13 1.03 -19.11 2.64
C THR A 13 1.58 -18.75 1.27
N LEU A 14 0.72 -18.35 0.34
CA LEU A 14 1.18 -17.95 -0.99
C LEU A 14 2.06 -16.71 -0.90
N GLY A 15 1.72 -15.77 -0.01
CA GLY A 15 2.56 -14.60 0.16
C GLY A 15 3.92 -14.90 0.75
N GLN A 16 3.98 -15.90 1.64
CA GLN A 16 5.26 -16.27 2.24
C GLN A 16 6.15 -17.01 1.25
N VAL A 17 5.55 -17.76 0.32
CA VAL A 17 6.33 -18.42 -0.71
C VAL A 17 6.92 -17.41 -1.68
N ILE A 18 6.15 -16.36 -2.00
CA ILE A 18 6.64 -15.33 -2.91
C ILE A 18 7.87 -14.63 -2.34
N HIS A 19 7.82 -14.30 -1.04
CA HIS A 19 8.96 -13.63 -0.42
C HIS A 19 10.19 -14.53 -0.39
N LYS A 20 9.99 -15.82 -0.14
CA LYS A 20 11.12 -16.75 -0.09
C LYS A 20 11.76 -16.91 -1.47
N ARG A 21 10.95 -16.90 -2.53
CA ARG A 21 11.49 -17.02 -3.88
C ARG A 21 12.24 -15.77 -4.31
N CYS A 22 11.79 -14.59 -3.85
CA CYS A 22 12.48 -13.35 -4.19
C CYS A 22 13.87 -13.32 -3.59
N GLU A 23 14.04 -13.87 -2.38
CA GLU A 23 15.36 -13.91 -1.76
C GLU A 23 16.31 -14.84 -2.50
N GLU A 24 15.77 -15.82 -3.24
CA GLU A 24 16.58 -16.81 -3.93
C GLU A 24 16.96 -16.39 -5.34
N MET A 25 16.31 -15.38 -5.91
CA MET A 25 16.65 -14.94 -7.25
C MET A 25 18.03 -14.27 -7.26
N LYS A 26 18.78 -14.50 -8.33
CA LYS A 26 20.16 -14.06 -8.42
C LYS A 26 20.34 -12.78 -9.21
N TYR A 27 19.47 -12.49 -10.17
CA TYR A 27 19.59 -11.33 -11.04
C TYR A 27 18.57 -10.28 -10.65
N CYS A 28 19.01 -9.02 -10.63
CA CYS A 28 18.16 -7.87 -10.27
C CYS A 28 17.52 -8.07 -8.89
N LYS A 29 18.38 -8.34 -7.90
CA LYS A 29 17.89 -8.71 -6.57
C LYS A 29 17.20 -7.54 -5.87
N LYS A 30 17.61 -6.30 -6.16
CA LYS A 30 17.03 -5.17 -5.45
C LYS A 30 15.54 -5.02 -5.77
N GLN A 31 15.16 -5.24 -7.03
CA GLN A 31 13.74 -5.22 -7.39
C GLN A 31 13.02 -6.45 -6.85
N CYS A 32 13.70 -7.59 -6.78
CA CYS A 32 13.08 -8.80 -6.27
C CYS A 32 12.82 -8.71 -4.77
N ARG A 33 13.84 -8.31 -4.00
CA ARG A 33 13.65 -8.17 -2.57
C ARG A 33 12.67 -7.05 -2.23
N ARG A 34 12.53 -6.07 -3.13
CA ARG A 34 11.52 -5.04 -2.94
C ARG A 34 10.11 -5.61 -3.11
N LEU A 35 9.92 -6.49 -4.08
CA LEU A 35 8.60 -7.08 -4.31
C LEU A 35 8.21 -8.01 -3.16
N GLY A 36 9.12 -8.91 -2.76
CA GLY A 36 8.81 -9.85 -1.70
C GLY A 36 8.52 -9.18 -0.37
N HIS A 37 9.18 -8.06 -0.09
CA HIS A 37 8.93 -7.35 1.15
C HIS A 37 7.64 -6.54 1.10
N ARG A 38 7.25 -6.07 -0.08
CA ARG A 38 5.94 -5.43 -0.22
C ARG A 38 4.82 -6.45 -0.03
N VAL A 39 5.03 -7.68 -0.49
CA VAL A 39 4.03 -8.73 -0.28
C VAL A 39 3.92 -9.07 1.20
N LEU A 40 5.04 -9.08 1.91
CA LEU A 40 5.00 -9.31 3.35
C LEU A 40 4.20 -8.23 4.07
N GLY A 41 4.31 -6.98 3.61
CA GLY A 41 3.56 -5.91 4.23
C GLY A 41 2.06 -6.02 4.01
N LEU A 42 1.64 -6.61 2.89
CA LEU A 42 0.23 -6.75 2.60
C LEU A 42 -0.39 -7.95 3.33
N ILE A 43 0.39 -9.01 3.54
CA ILE A 43 -0.16 -10.19 4.20
C ILE A 43 -0.14 -10.07 5.72
N LYS A 44 0.65 -9.15 6.27
CA LYS A 44 0.74 -9.03 7.73
C LYS A 44 -0.59 -8.68 8.37
N PRO A 45 -1.39 -7.73 7.86
CA PRO A 45 -2.73 -7.55 8.43
C PRO A 45 -3.60 -8.78 8.30
N LEU A 46 -3.38 -9.61 7.28
CA LEU A 46 -4.12 -10.86 7.16
C LEU A 46 -3.62 -11.89 8.17
N GLU A 47 -2.33 -11.85 8.51
CA GLU A 47 -1.82 -12.74 9.56
C GLU A 47 -2.38 -12.36 10.92
N MET A 48 -2.46 -11.06 11.20
CA MET A 48 -3.04 -10.62 12.47
C MET A 48 -4.51 -10.98 12.54
N LEU A 49 -5.24 -10.83 11.43
CA LEU A 49 -6.62 -11.28 11.37
C LEU A 49 -6.72 -12.78 11.60
N GLN A 50 -5.73 -13.53 11.14
CA GLN A 50 -5.71 -14.97 11.39
C GLN A 50 -5.42 -15.28 12.85
N ASP A 51 -4.65 -14.42 13.52
CA ASP A 51 -4.34 -14.64 14.93
C ASP A 51 -5.56 -14.51 15.84
N GLN A 52 -6.62 -13.87 15.36
CA GLN A 52 -7.79 -13.66 16.20
C GLN A 52 -8.55 -14.96 16.46
N GLY A 53 -8.55 -15.87 15.51
CA GLY A 53 -9.21 -17.16 15.66
C GLY A 53 -10.36 -17.32 14.67
N LYS A 54 -11.32 -18.16 15.05
CA LYS A 54 -12.47 -18.46 14.21
C LYS A 54 -13.62 -17.48 14.40
N ARG A 55 -13.40 -16.40 15.15
CA ARG A 55 -14.47 -15.43 15.37
C ARG A 55 -14.56 -14.38 14.26
N SER A 56 -13.48 -14.19 13.50
CA SER A 56 -13.44 -13.22 12.42
C SER A 56 -13.77 -13.91 11.10
N VAL A 57 -14.83 -13.47 10.44
CA VAL A 57 -15.28 -14.03 9.18
C VAL A 57 -15.29 -12.91 8.15
N PRO A 58 -14.50 -13.00 7.08
CA PRO A 58 -14.53 -11.94 6.06
C PRO A 58 -15.86 -11.90 5.33
N SER A 59 -16.27 -10.70 4.96
CA SER A 59 -17.53 -10.49 4.25
C SER A 59 -17.30 -10.73 2.76
N GLU A 60 -18.30 -10.36 1.94
CA GLU A 60 -18.17 -10.53 0.50
C GLU A 60 -17.22 -9.49 -0.09
N LYS A 61 -17.28 -8.25 0.38
CA LYS A 61 -16.41 -7.21 -0.13
C LYS A 61 -14.95 -7.48 0.26
N LEU A 62 -14.73 -8.03 1.46
CA LEU A 62 -13.37 -8.34 1.87
C LEU A 62 -12.83 -9.57 1.13
N THR A 63 -13.68 -10.57 0.92
CA THR A 63 -13.26 -11.75 0.18
C THR A 63 -12.96 -11.41 -1.27
N THR A 64 -13.73 -10.49 -1.86
CA THR A 64 -13.48 -10.07 -3.23
C THR A 64 -12.14 -9.34 -3.34
N ALA A 65 -11.80 -8.53 -2.33
CA ALA A 65 -10.52 -7.83 -2.36
C ALA A 65 -9.36 -8.79 -2.12
N MET A 66 -9.56 -9.83 -1.32
CA MET A 66 -8.50 -10.81 -1.11
C MET A 66 -8.29 -11.69 -2.33
N ASN A 67 -9.35 -11.97 -3.08
CA ASN A 67 -9.22 -12.76 -4.30
C ASN A 67 -8.47 -11.99 -5.38
N ARG A 68 -8.72 -10.68 -5.48
CA ARG A 68 -7.93 -9.86 -6.39
C ARG A 68 -6.48 -9.80 -5.96
N PHE A 69 -6.24 -9.77 -4.65
CA PHE A 69 -4.86 -9.84 -4.15
C PHE A 69 -4.25 -11.21 -4.39
N LYS A 70 -5.06 -12.28 -4.30
CA LYS A 70 -4.54 -13.62 -4.57
C LYS A 70 -4.18 -13.78 -6.04
N ALA A 71 -5.01 -13.25 -6.94
CA ALA A 71 -4.70 -13.33 -8.37
C ALA A 71 -3.45 -12.54 -8.72
N ALA A 72 -3.18 -11.46 -7.98
CA ALA A 72 -1.96 -10.69 -8.22
C ALA A 72 -0.73 -11.43 -7.73
N LEU A 73 -0.85 -12.18 -6.63
CA LEU A 73 0.27 -13.00 -6.16
C LEU A 73 0.58 -14.12 -7.14
N GLU A 74 -0.45 -14.71 -7.76
CA GLU A 74 -0.21 -15.72 -8.77
C GLU A 74 0.37 -15.11 -10.04
N GLU A 75 0.01 -13.86 -10.35
CA GLU A 75 0.66 -13.14 -11.44
C GLU A 75 2.14 -12.89 -11.12
N ALA A 76 2.41 -12.42 -9.90
CA ALA A 76 3.80 -12.21 -9.50
C ALA A 76 4.57 -13.52 -9.41
N ASN A 77 3.89 -14.61 -9.06
CA ASN A 77 4.55 -15.90 -8.99
C ASN A 77 5.06 -16.34 -10.35
N GLY A 78 4.27 -16.11 -11.40
CA GLY A 78 4.73 -16.45 -12.74
C GLY A 78 5.85 -15.57 -13.23
N GLU A 79 5.86 -14.30 -12.81
CA GLU A 79 6.94 -13.40 -13.20
C GLU A 79 8.24 -13.72 -12.48
N ILE A 80 8.15 -14.31 -11.28
CA ILE A 80 9.36 -14.68 -10.55
C ILE A 80 10.08 -15.82 -11.23
N GLU A 81 9.34 -16.88 -11.58
CA GLU A 81 9.95 -18.00 -12.29
C GLU A 81 10.40 -17.59 -13.69
N LYS A 82 9.65 -16.69 -14.34
CA LYS A 82 10.05 -16.22 -15.66
C LYS A 82 11.36 -15.44 -15.60
N PHE A 83 11.50 -14.55 -14.63
CA PHE A 83 12.69 -13.73 -14.48
C PHE A 83 13.77 -14.41 -13.64
N SER A 84 13.65 -15.70 -13.38
CA SER A 84 14.73 -16.45 -12.75
C SER A 84 15.82 -16.84 -13.72
N ASN A 85 15.58 -16.70 -15.02
CA ASN A 85 16.56 -17.02 -16.05
C ASN A 85 17.24 -15.74 -16.53
N ARG A 86 18.53 -15.86 -16.85
CA ARG A 86 19.31 -14.69 -17.24
C ARG A 86 18.86 -14.14 -18.59
N SER A 87 18.58 -15.03 -19.55
CA SER A 87 18.21 -14.58 -20.89
C SER A 87 16.85 -13.90 -20.90
N ASN A 88 15.93 -14.33 -20.02
CA ASN A 88 14.62 -13.70 -19.98
C ASN A 88 14.71 -12.27 -19.46
N ILE A 89 15.59 -12.04 -18.49
CA ILE A 89 15.78 -10.67 -17.98
C ILE A 89 16.48 -9.81 -19.01
N CYS A 90 17.49 -10.35 -19.67
CA CYS A 90 18.20 -9.59 -20.71
C CYS A 90 17.28 -9.30 -21.90
N ARG A 91 16.35 -10.21 -22.20
CA ARG A 91 15.37 -9.94 -23.24
C ARG A 91 14.44 -8.80 -22.84
N PHE A 92 14.18 -8.64 -21.54
CA PHE A 92 13.32 -7.56 -21.06
C PHE A 92 14.09 -6.25 -20.88
N LEU A 93 15.31 -6.31 -20.34
CA LEU A 93 16.06 -5.09 -20.10
C LEU A 93 16.50 -4.43 -21.40
N THR A 94 16.76 -5.21 -22.44
CA THR A 94 17.16 -4.65 -23.73
C THR A 94 15.97 -4.21 -24.58
N ALA A 95 14.75 -4.60 -24.21
CA ALA A 95 13.56 -4.22 -24.97
C ALA A 95 12.70 -3.20 -24.28
N SER A 96 12.77 -3.09 -22.95
CA SER A 96 11.97 -2.12 -22.20
C SER A 96 12.71 -0.79 -22.11
N GLN A 97 11.95 0.25 -21.75
CA GLN A 97 12.50 1.59 -21.58
C GLN A 97 12.82 1.91 -20.13
N ASP A 98 11.87 1.71 -19.23
CA ASP A 98 12.08 1.96 -17.81
C ASP A 98 12.91 0.87 -17.14
N LYS A 99 12.99 -0.31 -17.75
CA LYS A 99 13.75 -1.45 -17.21
C LYS A 99 13.23 -1.90 -15.85
N ILE A 100 11.99 -1.57 -15.51
CA ILE A 100 11.38 -2.01 -14.27
C ILE A 100 10.69 -3.34 -14.52
N LEU A 101 11.09 -4.37 -13.77
CA LEU A 101 10.61 -5.72 -14.03
C LEU A 101 9.13 -5.87 -13.70
N PHE A 102 8.76 -5.59 -12.45
CA PHE A 102 7.41 -5.85 -11.95
C PHE A 102 6.59 -4.58 -11.81
N LYS A 103 6.72 -3.65 -12.77
CA LYS A 103 5.96 -2.41 -12.68
C LYS A 103 4.47 -2.65 -12.85
N ASP A 104 4.09 -3.70 -13.59
CA ASP A 104 2.68 -4.02 -13.74
C ASP A 104 2.11 -4.67 -12.48
N VAL A 105 2.91 -5.50 -11.81
CA VAL A 105 2.43 -6.18 -10.60
C VAL A 105 2.44 -5.24 -9.41
N ASN A 106 3.46 -4.39 -9.30
CA ASN A 106 3.53 -3.45 -8.18
C ASN A 106 2.35 -2.49 -8.20
N ARG A 107 1.92 -2.05 -9.38
CA ARG A 107 0.77 -1.17 -9.46
C ARG A 107 -0.52 -1.88 -9.09
N LYS A 108 -0.62 -3.17 -9.41
CA LYS A 108 -1.83 -3.93 -9.03
C LYS A 108 -1.88 -4.16 -7.53
N LEU A 109 -0.72 -4.35 -6.89
CA LEU A 109 -0.71 -4.54 -5.44
C LEU A 109 -0.96 -3.24 -4.70
N SER A 110 -0.60 -2.10 -5.30
CA SER A 110 -0.81 -0.82 -4.64
C SER A 110 -2.30 -0.49 -4.54
N ASP A 111 -3.08 -0.83 -5.57
CA ASP A 111 -4.50 -0.54 -5.52
C ASP A 111 -5.23 -1.49 -4.58
N VAL A 112 -4.83 -2.76 -4.55
CA VAL A 112 -5.52 -3.73 -3.70
C VAL A 112 -5.17 -3.52 -2.23
N TRP A 113 -4.01 -2.90 -1.94
CA TRP A 113 -3.65 -2.67 -0.54
C TRP A 113 -4.55 -1.62 0.10
N LYS A 114 -4.78 -0.50 -0.59
CA LYS A 114 -5.68 0.52 -0.06
C LYS A 114 -7.11 0.02 0.03
N GLU A 115 -7.48 -0.99 -0.77
CA GLU A 115 -8.79 -1.60 -0.63
C GLU A 115 -8.83 -2.60 0.52
N LEU A 116 -7.71 -3.26 0.80
CA LEU A 116 -7.64 -4.14 1.96
C LEU A 116 -7.54 -3.34 3.27
N SER A 117 -6.80 -2.24 3.24
CA SER A 117 -6.64 -1.42 4.45
C SER A 117 -7.98 -0.83 4.88
N LEU A 118 -8.79 -0.37 3.93
CA LEU A 118 -10.08 0.20 4.26
C LEU A 118 -11.03 -0.85 4.82
N LEU A 119 -10.98 -2.07 4.26
CA LEU A 119 -11.89 -3.11 4.71
C LEU A 119 -11.43 -3.78 6.00
N LEU A 120 -10.11 -3.88 6.21
CA LEU A 120 -9.61 -4.46 7.45
C LEU A 120 -9.89 -3.58 8.65
N GLN A 121 -9.92 -2.25 8.45
CA GLN A 121 -10.15 -1.31 9.54
C GLN A 121 -11.62 -1.08 9.81
N VAL A 122 -12.44 -0.98 8.77
CA VAL A 122 -13.85 -0.65 8.96
C VAL A 122 -14.67 -1.88 9.32
N GLU A 123 -14.51 -2.96 8.55
CA GLU A 123 -15.33 -4.16 8.78
C GLU A 123 -14.79 -5.00 9.93
N GLN A 124 -13.54 -5.45 9.80
CA GLN A 124 -12.96 -6.35 10.80
C GLN A 124 -12.50 -5.62 12.06
N ARG A 125 -12.50 -4.29 12.06
CA ARG A 125 -12.05 -3.49 13.20
C ARG A 125 -10.63 -3.88 13.62
N MET A 126 -9.77 -4.02 12.61
CA MET A 126 -8.38 -4.43 12.80
C MET A 126 -7.45 -3.26 12.56
N PRO A 127 -6.55 -2.94 13.49
CA PRO A 127 -5.59 -1.85 13.26
C PRO A 127 -4.49 -2.29 12.29
N VAL A 128 -4.26 -1.48 11.27
CA VAL A 128 -3.25 -1.76 10.26
C VAL A 128 -2.20 -0.65 10.30
N SER A 129 -1.00 -0.99 9.84
CA SER A 129 0.11 -0.07 9.78
C SER A 129 0.54 0.16 8.33
N PRO A 130 1.12 1.31 8.03
CA PRO A 130 1.57 1.56 6.65
C PRO A 130 2.64 0.56 6.22
N ILE A 131 2.74 0.36 4.91
CA ILE A 131 3.66 -0.62 4.34
C ILE A 131 5.10 -0.14 4.53
N SER A 132 5.49 0.92 3.82
CA SER A 132 6.85 1.41 3.86
C SER A 132 6.83 2.93 3.84
N GLN A 133 8.02 3.53 3.93
CA GLN A 133 8.17 4.98 3.86
C GLN A 133 9.24 5.35 2.83
N GLY A 134 10.04 6.36 3.14
CA GLY A 134 11.13 6.76 2.27
C GLY A 134 10.68 7.52 1.04
N ALA A 135 10.07 6.83 0.08
CA ALA A 135 9.64 7.43 -1.17
C ALA A 135 8.40 6.70 -1.67
N SER A 136 7.88 7.16 -2.80
CA SER A 136 6.74 6.50 -3.41
C SER A 136 7.18 5.21 -4.10
N TRP A 137 6.21 4.33 -4.34
CA TRP A 137 6.51 3.07 -5.01
C TRP A 137 7.00 3.29 -6.43
N ALA A 138 6.59 4.38 -7.06
CA ALA A 138 7.08 4.70 -8.40
C ALA A 138 8.56 5.08 -8.36
N GLN A 139 8.93 5.97 -7.44
CA GLN A 139 10.33 6.35 -7.31
C GLN A 139 11.18 5.20 -6.81
N GLU A 140 10.64 4.36 -5.93
CA GLU A 140 11.38 3.20 -5.45
C GLU A 140 11.64 2.20 -6.57
N ASP A 141 10.72 2.07 -7.52
CA ASP A 141 10.93 1.15 -8.62
C ASP A 141 12.00 1.64 -9.58
N GLN A 142 12.06 2.95 -9.82
CA GLN A 142 13.07 3.50 -10.73
C GLN A 142 14.46 3.42 -10.11
N GLN A 143 14.56 3.68 -8.80
CA GLN A 143 15.87 3.60 -8.14
C GLN A 143 16.38 2.17 -8.11
N ASP A 144 15.49 1.19 -7.89
CA ASP A 144 15.91 -0.20 -7.88
C ASP A 144 16.20 -0.71 -9.28
N ALA A 145 15.47 -0.22 -10.29
CA ALA A 145 15.71 -0.65 -11.66
C ALA A 145 17.06 -0.16 -12.17
N ASP A 146 17.42 1.09 -11.84
CA ASP A 146 18.71 1.63 -12.28
C ASP A 146 19.87 0.93 -11.59
N GLU A 147 19.70 0.59 -10.30
CA GLU A 147 20.74 -0.16 -9.60
C GLU A 147 20.88 -1.56 -10.15
N ASP A 148 19.75 -2.18 -10.52
CA ASP A 148 19.81 -3.52 -11.12
C ASP A 148 20.32 -3.48 -12.54
N ARG A 149 19.99 -2.41 -13.29
CA ARG A 149 20.50 -2.27 -14.65
C ARG A 149 22.01 -2.04 -14.67
N ARG A 150 22.59 -1.59 -13.56
CA ARG A 150 24.03 -1.38 -13.48
C ARG A 150 24.78 -2.65 -13.12
N ALA A 151 24.28 -3.42 -12.16
CA ALA A 151 24.94 -4.65 -11.76
C ALA A 151 24.76 -5.77 -12.77
N PHE A 152 23.64 -5.77 -13.50
CA PHE A 152 23.42 -6.82 -14.49
C PHE A 152 24.34 -6.67 -15.69
N GLN A 153 24.69 -5.44 -16.06
CA GLN A 153 25.62 -5.24 -17.17
C GLN A 153 27.05 -5.61 -16.80
N MET A 154 27.37 -5.66 -15.50
CA MET A 154 28.72 -6.02 -15.07
C MET A 154 28.96 -7.52 -15.08
N LEU A 155 27.91 -8.34 -15.18
CA LEU A 155 28.08 -9.79 -15.21
C LEU A 155 28.70 -10.22 -16.53
N ARG A 156 29.72 -11.06 -16.44
CA ARG A 156 30.41 -11.55 -17.63
C ARG A 156 29.81 -12.87 -18.10
N VAL B 9 -4.75 15.79 -6.79
CA VAL B 9 -4.58 14.36 -6.95
C VAL B 9 -5.50 13.53 -6.03
N PRO B 10 -5.54 13.82 -4.73
CA PRO B 10 -6.46 13.07 -3.86
C PRO B 10 -7.90 13.54 -4.03
N THR B 11 -8.82 12.59 -3.94
CA THR B 11 -10.23 12.89 -4.13
C THR B 11 -11.07 12.01 -3.22
N LYS B 12 -12.32 12.42 -3.01
CA LYS B 12 -13.31 11.66 -2.25
C LYS B 12 -12.84 11.43 -0.82
N LEU B 13 -12.77 12.52 -0.07
CA LEU B 13 -12.41 12.49 1.34
C LEU B 13 -13.68 12.33 2.16
N GLU B 14 -13.76 11.25 2.94
CA GLU B 14 -14.93 10.95 3.74
C GLU B 14 -14.49 10.44 5.10
N VAL B 15 -15.45 10.40 6.04
CA VAL B 15 -15.24 9.83 7.36
C VAL B 15 -15.95 8.47 7.35
N VAL B 16 -15.16 7.41 7.25
CA VAL B 16 -15.71 6.06 7.15
C VAL B 16 -15.94 5.40 8.50
N ALA B 17 -15.31 5.89 9.56
CA ALA B 17 -15.51 5.37 10.91
C ALA B 17 -15.29 6.51 11.89
N ALA B 18 -16.13 6.57 12.92
CA ALA B 18 -16.10 7.70 13.83
C ALA B 18 -16.58 7.31 15.22
N THR B 19 -15.85 7.77 16.23
CA THR B 19 -16.27 7.74 17.62
C THR B 19 -16.37 9.18 18.09
N PRO B 20 -17.00 9.45 19.24
CA PRO B 20 -17.07 10.86 19.71
C PRO B 20 -15.72 11.51 19.90
N THR B 21 -14.63 10.74 19.98
CA THR B 21 -13.30 11.30 20.20
C THR B 21 -12.28 10.93 19.12
N SER B 22 -12.60 10.03 18.20
CA SER B 22 -11.66 9.59 17.19
C SER B 22 -12.37 9.42 15.86
N LEU B 23 -11.62 9.60 14.77
CA LEU B 23 -12.14 9.51 13.42
C LEU B 23 -11.24 8.63 12.56
N LEU B 24 -11.80 8.16 11.45
CA LEU B 24 -11.07 7.39 10.45
C LEU B 24 -11.45 7.94 9.08
N ILE B 25 -10.51 8.62 8.43
CA ILE B 25 -10.76 9.23 7.13
C ILE B 25 -10.22 8.33 6.03
N SER B 26 -10.79 8.49 4.84
CA SER B 26 -10.37 7.70 3.69
C SER B 26 -10.50 8.55 2.43
N TRP B 27 -9.62 8.29 1.46
CA TRP B 27 -9.60 9.05 0.23
C TRP B 27 -9.16 8.14 -0.91
N ASP B 28 -9.49 8.56 -2.14
CA ASP B 28 -9.14 7.83 -3.35
C ASP B 28 -8.06 8.59 -4.09
N ALA B 29 -6.98 7.89 -4.44
CA ALA B 29 -5.87 8.51 -5.16
C ALA B 29 -4.98 7.41 -5.74
N ASP B 30 -4.15 7.79 -6.70
CA ASP B 30 -3.18 6.87 -7.30
C ASP B 30 -1.97 6.81 -6.38
N THR B 31 -2.07 5.93 -5.37
CA THR B 31 -1.06 5.85 -4.32
C THR B 31 0.30 5.37 -4.83
N TYR B 32 0.38 4.86 -6.07
CA TYR B 32 1.64 4.37 -6.59
C TYR B 32 2.63 5.50 -6.83
N TYR B 33 2.14 6.70 -7.16
CA TYR B 33 2.99 7.84 -7.48
C TYR B 33 3.07 8.85 -6.35
N ILE B 34 2.47 8.57 -5.20
CA ILE B 34 2.38 9.53 -4.10
C ILE B 34 3.45 9.22 -3.06
N TRP B 35 4.27 10.21 -2.73
CA TRP B 35 5.32 10.03 -1.73
C TRP B 35 4.72 9.91 -0.34
N TYR B 36 4.01 10.94 0.12
CA TYR B 36 3.41 10.93 1.44
C TYR B 36 2.30 11.98 1.48
N TYR B 37 1.53 11.93 2.57
CA TYR B 37 0.45 12.88 2.80
C TYR B 37 0.73 13.67 4.08
N ARG B 38 0.19 14.88 4.14
CA ARG B 38 0.16 15.68 5.36
C ARG B 38 -1.29 15.83 5.79
N ILE B 39 -1.62 15.32 6.98
CA ILE B 39 -2.97 15.38 7.52
C ILE B 39 -3.03 16.51 8.53
N THR B 40 -3.93 17.47 8.31
CA THR B 40 -4.14 18.58 9.22
C THR B 40 -5.59 18.56 9.69
N TYR B 41 -5.80 18.90 10.97
CA TYR B 41 -7.12 18.90 11.55
C TYR B 41 -7.19 19.91 12.69
N GLY B 42 -8.33 20.58 12.80
CA GLY B 42 -8.52 21.56 13.85
C GLY B 42 -9.95 22.05 13.83
N GLU B 43 -10.28 22.88 14.83
CA GLU B 43 -11.62 23.43 14.93
C GLU B 43 -11.83 24.46 13.84
N THR B 44 -13.05 24.49 13.30
CA THR B 44 -13.35 25.31 12.13
C THR B 44 -13.59 26.76 12.52
N GLY B 45 -12.94 27.67 11.80
CA GLY B 45 -13.19 29.10 11.95
C GLY B 45 -12.57 29.68 13.20
N GLY B 46 -12.57 31.02 13.25
CA GLY B 46 -12.05 31.74 14.39
C GLY B 46 -10.55 31.67 14.57
N ASN B 47 -9.81 31.37 13.50
CA ASN B 47 -8.36 31.24 13.58
C ASN B 47 -7.94 30.23 14.64
N SER B 48 -8.64 29.10 14.69
CA SER B 48 -8.35 28.08 15.68
C SER B 48 -7.05 27.35 15.32
N PRO B 49 -6.33 26.83 16.31
CA PRO B 49 -5.09 26.12 16.04
C PRO B 49 -5.33 24.82 15.29
N VAL B 50 -4.26 24.33 14.67
CA VAL B 50 -4.31 23.12 13.85
C VAL B 50 -3.13 22.23 14.22
N GLN B 51 -3.30 20.93 14.03
CA GLN B 51 -2.27 19.95 14.30
C GLN B 51 -1.98 19.12 13.05
N GLU B 52 -0.72 18.73 12.89
CA GLU B 52 -0.25 18.09 11.67
C GLU B 52 0.44 16.77 11.99
N PHE B 53 0.36 15.83 11.05
CA PHE B 53 1.12 14.60 11.10
C PHE B 53 1.15 14.00 9.70
N THR B 54 2.16 13.18 9.45
CA THR B 54 2.42 12.64 8.12
C THR B 54 1.95 11.20 8.01
N VAL B 55 1.57 10.82 6.78
CA VAL B 55 1.13 9.46 6.47
C VAL B 55 1.81 9.03 5.18
N PRO B 56 2.39 7.82 5.13
CA PRO B 56 3.06 7.38 3.89
C PRO B 56 2.09 7.32 2.73
N GLY B 57 2.64 7.47 1.52
CA GLY B 57 1.81 7.55 0.32
C GLY B 57 1.16 6.25 -0.08
N SER B 58 1.68 5.12 0.40
CA SER B 58 1.15 3.82 -0.01
C SER B 58 -0.26 3.57 0.53
N SER B 59 -0.63 4.21 1.62
CA SER B 59 -1.93 4.00 2.24
C SER B 59 -2.91 5.10 1.80
N SER B 60 -4.19 4.90 2.13
CA SER B 60 -5.24 5.83 1.77
C SER B 60 -6.18 6.10 2.94
N THR B 61 -5.78 5.75 4.16
CA THR B 61 -6.58 5.99 5.34
C THR B 61 -5.71 6.60 6.43
N ALA B 62 -6.35 7.30 7.36
CA ALA B 62 -5.65 7.93 8.47
C ALA B 62 -6.56 7.96 9.69
N THR B 63 -5.95 7.83 10.86
CA THR B 63 -6.66 7.82 12.12
C THR B 63 -6.36 9.11 12.88
N ILE B 64 -7.41 9.82 13.27
CA ILE B 64 -7.31 11.04 14.06
C ILE B 64 -7.98 10.80 15.40
N SER B 65 -7.25 11.03 16.48
CA SER B 65 -7.75 10.77 17.82
C SER B 65 -7.53 12.00 18.70
N GLY B 66 -8.05 11.93 19.92
CA GLY B 66 -7.93 13.03 20.86
C GLY B 66 -8.83 14.21 20.59
N LEU B 67 -9.92 14.01 19.86
CA LEU B 67 -10.83 15.08 19.51
C LEU B 67 -11.90 15.26 20.59
N SER B 68 -12.53 16.43 20.58
CA SER B 68 -13.57 16.75 21.55
C SER B 68 -14.95 16.36 21.02
N PRO B 69 -15.80 15.81 21.87
CA PRO B 69 -17.13 15.38 21.40
C PRO B 69 -18.01 16.57 21.06
N GLY B 70 -18.63 16.52 19.88
CA GLY B 70 -19.56 17.56 19.47
C GLY B 70 -18.92 18.83 18.97
N VAL B 71 -17.85 18.71 18.18
CA VAL B 71 -17.15 19.87 17.62
C VAL B 71 -17.02 19.69 16.12
N ASP B 72 -17.35 20.74 15.36
CA ASP B 72 -17.20 20.73 13.92
C ASP B 72 -15.73 20.93 13.58
N TYR B 73 -15.08 19.90 13.05
CA TYR B 73 -13.68 19.94 12.71
C TYR B 73 -13.48 20.13 11.21
N THR B 74 -12.29 20.59 10.85
CA THR B 74 -11.88 20.76 9.46
C THR B 74 -10.67 19.89 9.20
N ILE B 75 -10.81 18.93 8.29
CA ILE B 75 -9.77 17.96 7.98
C ILE B 75 -9.31 18.17 6.55
N THR B 76 -8.01 18.40 6.37
CA THR B 76 -7.42 18.64 5.06
C THR B 76 -6.31 17.63 4.81
N VAL B 77 -6.18 17.20 3.56
CA VAL B 77 -5.19 16.21 3.14
C VAL B 77 -4.32 16.82 2.05
N TYR B 78 -3.01 16.83 2.27
CA TYR B 78 -2.04 17.35 1.31
C TYR B 78 -1.24 16.20 0.74
N ALA B 79 -1.50 15.86 -0.52
CA ALA B 79 -0.77 14.78 -1.19
C ALA B 79 0.52 15.33 -1.78
N PHE B 80 1.62 14.62 -1.57
CA PHE B 80 2.93 14.99 -2.08
C PHE B 80 3.49 13.85 -2.91
N SER B 81 3.99 14.18 -4.10
CA SER B 81 4.56 13.20 -5.01
C SER B 81 6.01 13.58 -5.32
N ASP B 82 6.87 12.56 -5.39
CA ASP B 82 8.28 12.77 -5.72
C ASP B 82 8.62 12.35 -7.14
N TYR B 83 7.90 11.39 -7.71
CA TYR B 83 8.18 10.96 -9.07
C TYR B 83 7.80 12.04 -10.07
N TYR B 84 6.61 12.62 -9.93
CA TYR B 84 6.16 13.67 -10.83
C TYR B 84 6.48 15.04 -10.25
N SER B 88 0.28 18.72 -5.67
CA SER B 88 -1.13 18.30 -5.65
C SER B 88 -1.97 19.23 -4.77
N SER B 89 -3.13 19.63 -5.29
CA SER B 89 -4.01 20.51 -4.55
C SER B 89 -4.67 19.74 -3.41
N PRO B 90 -4.80 20.36 -2.23
CA PRO B 90 -5.41 19.65 -1.09
C PRO B 90 -6.92 19.60 -1.19
N ILE B 91 -7.48 18.64 -0.46
CA ILE B 91 -8.92 18.49 -0.32
C ILE B 91 -9.27 18.58 1.15
N SER B 92 -10.43 19.15 1.44
CA SER B 92 -10.85 19.41 2.82
C SER B 92 -12.35 19.12 2.97
N ILE B 93 -12.72 18.57 4.12
CA ILE B 93 -14.10 18.30 4.47
C ILE B 93 -14.37 18.81 5.89
N ASN B 94 -15.60 18.62 6.34
CA ASN B 94 -16.03 19.01 7.68
C ASN B 94 -16.81 17.87 8.32
N TYR B 95 -16.52 17.61 9.59
CA TYR B 95 -17.21 16.55 10.32
C TYR B 95 -17.36 16.96 11.78
N ARG B 96 -18.51 16.62 12.36
CA ARG B 96 -18.81 16.91 13.75
C ARG B 96 -18.86 15.60 14.52
N THR B 97 -17.99 15.49 15.53
CA THR B 97 -17.91 14.27 16.33
C THR B 97 -19.10 14.15 17.29
#